data_5BOC
#
_entry.id   5BOC
#
_cell.length_a   73.782
_cell.length_b   94.802
_cell.length_c   60.817
_cell.angle_alpha   90.000
_cell.angle_beta   90.000
_cell.angle_gamma   90.000
#
_symmetry.space_group_name_H-M   'C 2 2 21'
#
loop_
_entity.id
_entity.type
_entity.pdbx_description
1 polymer 'DNA topoisomerase 4 subunit B'
2 non-polymer '3-methyl-4-({3-[3-methyl-5-(trifluoromethyl)phenyl]-1H-pyrazol-5-yl}carbamoyl)benzoic acid'
3 water water
#
_entity_poly.entity_id   1
_entity_poly.type   'polypeptide(L)'
_entity_poly.pdbx_seq_one_letter_code
;MSKKEININNYNDDAIQVLEGLDAVRKRPGMYIGSTDGAGLHHLVWEIVDNAVDEALSGFGDRIDVTINKDGSLTVQDHG
RGMPTGMHAMGIPTVEVIFTILHAGGKFGQGGYKTSGGLHGVGSSVVNALSSWLEVEITRDGAVYKQRFENGGKPVTTLK
KIGTALKSKTGTKVTFMPDATIFSTTDFKYNTISERLNESAFLLKNVTLSLTDKRTDEAIEFHYEN
;
_entity_poly.pdbx_strand_id   A
#
# COMPACT_ATOMS: atom_id res chain seq x y z
N GLN A 17 22.10 -2.09 -13.35
CA GLN A 17 21.01 -2.07 -12.37
C GLN A 17 21.18 -3.17 -11.33
N VAL A 18 21.68 -2.81 -10.16
CA VAL A 18 21.96 -3.78 -9.11
C VAL A 18 20.76 -3.94 -8.18
N LEU A 19 20.32 -5.18 -8.00
CA LEU A 19 19.22 -5.47 -7.10
C LEU A 19 19.74 -5.66 -5.67
N GLU A 20 18.91 -5.30 -4.70
CA GLU A 20 19.30 -5.44 -3.30
C GLU A 20 18.17 -6.02 -2.47
N GLY A 21 18.51 -6.55 -1.30
CA GLY A 21 17.52 -7.02 -0.35
C GLY A 21 16.97 -5.88 0.48
N LEU A 22 15.96 -6.17 1.30
CA LEU A 22 15.28 -5.14 2.07
C LEU A 22 16.16 -4.56 3.18
N ASP A 23 17.19 -5.31 3.57
CA ASP A 23 18.13 -4.86 4.58
C ASP A 23 18.80 -3.55 4.18
N ALA A 24 19.00 -3.37 2.88
CA ALA A 24 19.64 -2.17 2.35
C ALA A 24 18.78 -0.94 2.62
N VAL A 25 17.47 -1.10 2.50
CA VAL A 25 16.54 -0.02 2.82
C VAL A 25 16.58 0.29 4.32
N ARG A 26 16.54 -0.76 5.13
CA ARG A 26 16.46 -0.61 6.58
C ARG A 26 17.72 0.05 7.16
N LYS A 27 18.85 -0.10 6.48
CA LYS A 27 20.08 0.52 6.97
C LYS A 27 20.25 1.97 6.48
N ARG A 28 19.58 2.31 5.38
CA ARG A 28 19.61 3.68 4.88
C ARG A 28 18.23 4.16 4.42
N PRO A 29 17.27 4.25 5.36
CA PRO A 29 15.90 4.60 4.97
C PRO A 29 15.80 6.01 4.39
N GLY A 30 16.63 6.93 4.86
CA GLY A 30 16.63 8.29 4.37
C GLY A 30 16.94 8.39 2.88
N MET A 31 17.70 7.44 2.37
CA MET A 31 18.07 7.42 0.95
C MET A 31 16.87 7.07 0.06
N TYR A 32 15.80 6.54 0.66
CA TYR A 32 14.66 6.11 -0.13
C TYR A 32 13.40 6.90 0.15
N ILE A 33 13.24 7.38 1.39
CA ILE A 33 12.06 8.14 1.74
C ILE A 33 12.38 9.53 2.27
N GLY A 34 13.66 9.92 2.17
CA GLY A 34 14.06 11.28 2.51
C GLY A 34 14.44 11.46 3.96
N SER A 35 13.65 10.88 4.86
CA SER A 35 13.83 11.08 6.29
C SER A 35 13.06 10.04 7.09
N THR A 36 13.32 9.98 8.39
CA THR A 36 12.60 9.04 9.26
C THR A 36 11.69 9.76 10.25
N ASP A 37 11.32 11.00 9.95
CA ASP A 37 10.36 11.74 10.76
C ASP A 37 8.95 11.65 10.16
N GLY A 38 8.14 12.66 10.42
CA GLY A 38 6.77 12.70 9.93
C GLY A 38 6.69 12.71 8.42
N ALA A 39 7.59 13.45 7.78
CA ALA A 39 7.63 13.55 6.33
C ALA A 39 7.90 12.17 5.72
N GLY A 40 8.92 11.48 6.24
CA GLY A 40 9.27 10.16 5.77
C GLY A 40 8.15 9.16 5.97
N LEU A 41 7.53 9.21 7.15
CA LEU A 41 6.41 8.33 7.48
C LEU A 41 5.30 8.44 6.45
N HIS A 42 4.98 9.66 6.05
CA HIS A 42 3.88 9.89 5.13
C HIS A 42 4.27 9.62 3.68
N HIS A 43 5.56 9.51 3.42
CA HIS A 43 6.03 9.10 2.10
CA HIS A 43 6.00 9.11 2.08
C HIS A 43 5.62 7.66 1.83
N LEU A 44 5.58 6.86 2.90
CA LEU A 44 5.14 5.48 2.79
C LEU A 44 3.71 5.44 2.25
N VAL A 45 2.87 6.33 2.78
CA VAL A 45 1.48 6.43 2.37
C VAL A 45 1.39 6.81 0.90
N TRP A 46 2.16 7.82 0.49
CA TRP A 46 2.15 8.29 -0.89
C TRP A 46 2.54 7.17 -1.87
N GLU A 47 3.57 6.39 -1.52
CA GLU A 47 4.00 5.29 -2.39
C GLU A 47 2.89 4.25 -2.60
N ILE A 48 2.21 3.85 -1.52
CA ILE A 48 1.15 2.86 -1.64
C ILE A 48 -0.04 3.42 -2.43
N VAL A 49 -0.46 4.64 -2.10
CA VAL A 49 -1.59 5.29 -2.77
C VAL A 49 -1.34 5.51 -4.27
N ASP A 50 -0.11 5.91 -4.63
N ASP A 50 -0.11 5.91 -4.63
N ASP A 50 -0.11 5.90 -4.62
CA ASP A 50 0.22 6.19 -6.03
CA ASP A 50 0.22 6.19 -6.03
CA ASP A 50 0.24 6.20 -6.01
C ASP A 50 0.09 4.95 -6.90
C ASP A 50 0.09 4.95 -6.90
C ASP A 50 0.09 4.96 -6.91
N ASN A 51 0.31 3.78 -6.32
CA ASN A 51 0.13 2.51 -7.05
C ASN A 51 -1.35 2.34 -7.43
N ALA A 52 -2.24 2.66 -6.49
CA ALA A 52 -3.66 2.56 -6.72
C ALA A 52 -4.09 3.63 -7.74
N VAL A 53 -3.55 4.84 -7.57
CA VAL A 53 -3.84 5.96 -8.44
C VAL A 53 -3.39 5.69 -9.90
N ASP A 54 -2.18 5.17 -10.07
CA ASP A 54 -1.69 4.76 -11.38
C ASP A 54 -2.63 3.78 -12.08
N GLU A 55 -3.18 2.84 -11.32
CA GLU A 55 -4.15 1.88 -11.85
C GLU A 55 -5.42 2.54 -12.32
N ALA A 56 -5.96 3.43 -11.49
CA ALA A 56 -7.16 4.17 -11.85
C ALA A 56 -6.90 5.01 -13.10
N LEU A 57 -5.72 5.62 -13.17
CA LEU A 57 -5.36 6.43 -14.33
C LEU A 57 -5.34 5.60 -15.59
N SER A 58 -4.93 4.34 -15.48
CA SER A 58 -4.96 3.41 -16.61
C SER A 58 -6.39 2.97 -16.94
N GLY A 59 -7.36 3.41 -16.14
CA GLY A 59 -8.77 3.12 -16.41
C GLY A 59 -9.36 1.97 -15.61
N PHE A 60 -8.62 1.50 -14.60
CA PHE A 60 -9.07 0.34 -13.83
C PHE A 60 -9.44 0.70 -12.39
N GLY A 61 -10.73 0.61 -12.09
CA GLY A 61 -11.24 0.94 -10.77
C GLY A 61 -11.62 2.40 -10.69
N ASP A 62 -12.71 2.71 -9.99
CA ASP A 62 -13.17 4.09 -9.88
C ASP A 62 -13.31 4.58 -8.44
N ARG A 63 -12.81 3.80 -7.48
CA ARG A 63 -12.70 4.32 -6.11
C ARG A 63 -11.48 3.76 -5.39
N ILE A 64 -10.90 4.60 -4.54
CA ILE A 64 -9.73 4.22 -3.76
C ILE A 64 -9.93 4.59 -2.30
N ASP A 65 -10.04 3.58 -1.45
CA ASP A 65 -10.35 3.82 -0.05
C ASP A 65 -9.14 3.67 0.88
N VAL A 66 -8.84 4.74 1.59
CA VAL A 66 -7.77 4.74 2.56
C VAL A 66 -8.33 4.75 3.98
N THR A 67 -7.80 3.87 4.82
CA THR A 67 -8.26 3.79 6.20
C THR A 67 -7.12 3.82 7.19
N ILE A 68 -7.16 4.79 8.10
CA ILE A 68 -6.24 4.81 9.23
C ILE A 68 -6.85 3.94 10.32
N ASN A 69 -6.32 2.74 10.48
CA ASN A 69 -6.89 1.77 11.40
C ASN A 69 -6.61 2.18 12.85
N LYS A 70 -7.43 1.67 13.77
CA LYS A 70 -7.34 2.09 15.16
C LYS A 70 -6.04 1.64 15.83
N ASP A 71 -5.47 0.53 15.36
CA ASP A 71 -4.20 0.05 15.89
C ASP A 71 -3.00 0.82 15.33
N GLY A 72 -3.27 1.83 14.50
CA GLY A 72 -2.21 2.67 13.96
C GLY A 72 -1.75 2.29 12.56
N SER A 73 -2.13 1.10 12.10
CA SER A 73 -1.80 0.67 10.74
C SER A 73 -2.63 1.44 9.72
N LEU A 74 -2.21 1.40 8.46
CA LEU A 74 -2.95 2.07 7.40
C LEU A 74 -3.31 1.10 6.28
N THR A 75 -4.51 1.24 5.74
CA THR A 75 -4.99 0.39 4.66
C THR A 75 -5.29 1.22 3.42
N VAL A 76 -4.88 0.72 2.25
CA VAL A 76 -5.30 1.31 0.99
C VAL A 76 -5.91 0.23 0.11
N GLN A 77 -7.12 0.45 -0.36
CA GLN A 77 -7.78 -0.53 -1.20
C GLN A 77 -8.24 0.08 -2.53
N ASP A 78 -7.88 -0.55 -3.64
CA ASP A 78 -8.43 -0.15 -4.92
C ASP A 78 -9.28 -1.27 -5.51
N HIS A 79 -9.91 -0.98 -6.65
CA HIS A 79 -10.74 -1.94 -7.35
C HIS A 79 -10.31 -2.06 -8.81
N GLY A 80 -9.01 -2.04 -9.04
CA GLY A 80 -8.43 -2.25 -10.36
C GLY A 80 -8.33 -3.74 -10.68
N ARG A 81 -7.39 -4.11 -11.53
CA ARG A 81 -7.29 -5.49 -12.03
C ARG A 81 -6.83 -6.50 -10.98
N GLY A 82 -6.18 -6.01 -9.93
CA GLY A 82 -5.57 -6.87 -8.95
C GLY A 82 -4.18 -7.25 -9.42
N MET A 83 -3.21 -7.19 -8.51
CA MET A 83 -1.83 -7.56 -8.84
C MET A 83 -1.80 -9.00 -9.32
N PRO A 84 -0.89 -9.29 -10.28
CA PRO A 84 -0.72 -10.65 -10.80
C PRO A 84 -0.53 -11.67 -9.69
N THR A 85 -1.29 -12.75 -9.77
CA THR A 85 -1.28 -13.75 -8.71
C THR A 85 -0.43 -14.95 -9.08
N GLY A 86 0.23 -14.87 -10.23
CA GLY A 86 1.02 -15.99 -10.75
C GLY A 86 2.35 -16.16 -10.06
N MET A 87 3.16 -17.07 -10.60
CA MET A 87 4.48 -17.38 -10.05
C MET A 87 5.62 -16.71 -10.83
N HIS A 88 6.64 -16.28 -10.10
CA HIS A 88 7.88 -15.84 -10.72
C HIS A 88 8.72 -17.09 -10.96
N ALA A 89 9.97 -17.07 -10.52
CA ALA A 89 10.85 -18.23 -10.63
C ALA A 89 10.87 -19.01 -9.33
N MET A 90 11.22 -20.30 -9.40
CA MET A 90 11.45 -21.11 -8.21
C MET A 90 10.25 -21.17 -7.27
N GLY A 91 9.05 -21.09 -7.83
CA GLY A 91 7.84 -21.15 -7.02
C GLY A 91 7.59 -19.92 -6.17
N ILE A 92 8.33 -18.85 -6.43
CA ILE A 92 8.12 -17.61 -5.70
C ILE A 92 7.06 -16.78 -6.40
N PRO A 93 6.02 -16.37 -5.67
CA PRO A 93 4.96 -15.56 -6.28
C PRO A 93 5.52 -14.24 -6.81
N THR A 94 5.01 -13.80 -7.95
CA THR A 94 5.36 -12.52 -8.54
C THR A 94 5.19 -11.37 -7.54
N VAL A 95 4.11 -11.42 -6.76
CA VAL A 95 3.83 -10.37 -5.78
C VAL A 95 4.91 -10.35 -4.68
N GLU A 96 5.46 -11.53 -4.35
CA GLU A 96 6.48 -11.61 -3.32
C GLU A 96 7.79 -10.99 -3.81
N VAL A 97 8.10 -11.21 -5.08
CA VAL A 97 9.28 -10.61 -5.68
C VAL A 97 9.19 -9.08 -5.65
N ILE A 98 8.00 -8.57 -5.96
CA ILE A 98 7.76 -7.12 -5.96
C ILE A 98 7.94 -6.51 -4.55
N PHE A 99 7.52 -7.24 -3.52
CA PHE A 99 7.56 -6.72 -2.17
C PHE A 99 8.88 -6.98 -1.43
N THR A 100 9.80 -7.76 -2.01
CA THR A 100 11.01 -8.16 -1.28
C THR A 100 12.32 -7.84 -2.01
N ILE A 101 12.24 -7.42 -3.26
CA ILE A 101 13.44 -7.09 -4.02
C ILE A 101 13.46 -5.62 -4.43
N LEU A 102 14.51 -4.92 -4.00
CA LEU A 102 14.67 -3.50 -4.27
C LEU A 102 15.29 -3.27 -5.65
N HIS A 103 14.59 -2.53 -6.50
CA HIS A 103 15.07 -2.21 -7.84
C HIS A 103 15.74 -0.84 -7.88
N VAL A 122 9.30 -0.26 -7.15
CA VAL A 122 10.31 0.09 -6.16
C VAL A 122 9.66 0.52 -4.85
N GLY A 123 8.63 1.34 -4.95
CA GLY A 123 7.96 1.88 -3.78
C GLY A 123 7.41 0.84 -2.82
N SER A 124 6.88 -0.26 -3.35
CA SER A 124 6.22 -1.26 -2.53
C SER A 124 7.21 -1.98 -1.60
N SER A 125 8.38 -2.33 -2.12
CA SER A 125 9.38 -3.03 -1.33
C SER A 125 9.97 -2.12 -0.24
N VAL A 126 10.03 -0.83 -0.53
CA VAL A 126 10.52 0.15 0.45
C VAL A 126 9.55 0.23 1.64
N VAL A 127 8.26 0.26 1.35
CA VAL A 127 7.25 0.29 2.40
C VAL A 127 7.31 -0.99 3.23
N ASN A 128 7.43 -2.13 2.55
CA ASN A 128 7.54 -3.42 3.21
C ASN A 128 8.78 -3.50 4.12
N ALA A 129 9.91 -2.99 3.61
CA ALA A 129 11.17 -2.98 4.36
C ALA A 129 11.07 -2.15 5.64
N LEU A 130 10.30 -1.08 5.57
CA LEU A 130 10.18 -0.14 6.68
C LEU A 130 8.89 -0.37 7.48
N SER A 131 8.35 -1.57 7.39
CA SER A 131 7.14 -1.92 8.15
C SER A 131 7.39 -3.11 9.09
N SER A 132 6.86 -3.03 10.30
CA SER A 132 6.95 -4.16 11.24
C SER A 132 6.04 -5.32 10.78
N TRP A 133 5.03 -5.00 9.97
CA TRP A 133 4.30 -6.01 9.20
C TRP A 133 3.49 -5.39 8.07
N LEU A 134 3.14 -6.24 7.09
CA LEU A 134 2.43 -5.81 5.90
C LEU A 134 1.61 -6.97 5.34
N GLU A 135 0.39 -6.67 4.90
CA GLU A 135 -0.45 -7.67 4.27
C GLU A 135 -0.97 -7.14 2.95
N VAL A 136 -0.84 -7.94 1.90
CA VAL A 136 -1.42 -7.61 0.62
C VAL A 136 -2.52 -8.61 0.30
N GLU A 137 -3.68 -8.10 -0.09
CA GLU A 137 -4.81 -8.95 -0.49
CA GLU A 137 -4.80 -8.95 -0.49
C GLU A 137 -5.21 -8.66 -1.93
N ILE A 138 -5.17 -9.68 -2.76
CA ILE A 138 -5.56 -9.54 -4.16
C ILE A 138 -6.87 -10.26 -4.45
N THR A 139 -7.79 -9.57 -5.13
CA THR A 139 -9.02 -10.20 -5.58
C THR A 139 -9.08 -10.18 -7.10
N ARG A 140 -9.24 -11.36 -7.70
CA ARG A 140 -9.51 -11.50 -9.13
C ARG A 140 -9.80 -12.94 -9.51
N ASP A 141 -10.48 -13.11 -10.64
CA ASP A 141 -10.74 -14.42 -11.22
C ASP A 141 -11.53 -15.32 -10.28
N GLY A 142 -12.36 -14.71 -9.42
CA GLY A 142 -13.22 -15.46 -8.52
C GLY A 142 -12.53 -15.92 -7.25
N ALA A 143 -11.30 -15.46 -7.04
CA ALA A 143 -10.53 -15.87 -5.87
C ALA A 143 -9.99 -14.67 -5.10
N VAL A 144 -9.74 -14.88 -3.81
CA VAL A 144 -9.08 -13.89 -2.96
C VAL A 144 -7.79 -14.47 -2.41
N TYR A 145 -6.68 -13.78 -2.65
CA TYR A 145 -5.36 -14.25 -2.20
C TYR A 145 -4.75 -13.29 -1.19
N LYS A 146 -3.98 -13.83 -0.25
CA LYS A 146 -3.30 -12.99 0.75
C LYS A 146 -1.88 -13.46 1.04
N GLN A 147 -0.98 -12.51 1.22
CA GLN A 147 0.37 -12.79 1.70
C GLN A 147 0.70 -11.82 2.82
N ARG A 148 1.33 -12.34 3.88
CA ARG A 148 1.70 -11.53 5.02
C ARG A 148 3.23 -11.49 5.20
N PHE A 149 3.76 -10.29 5.46
CA PHE A 149 5.17 -10.09 5.75
C PHE A 149 5.35 -9.51 7.16
N GLU A 150 6.45 -9.86 7.83
CA GLU A 150 6.74 -9.33 9.15
C GLU A 150 8.21 -8.92 9.32
N ASN A 151 8.45 -8.03 10.29
CA ASN A 151 9.80 -7.63 10.69
CA ASN A 151 9.80 -7.63 10.69
C ASN A 151 10.68 -7.17 9.52
N GLY A 152 10.24 -6.13 8.83
CA GLY A 152 11.02 -5.60 7.72
C GLY A 152 10.86 -6.37 6.43
N GLY A 153 9.66 -6.92 6.22
CA GLY A 153 9.32 -7.50 4.94
C GLY A 153 9.69 -8.96 4.74
N LYS A 154 9.87 -9.68 5.84
CA LYS A 154 10.10 -11.13 5.77
C LYS A 154 8.76 -11.85 5.64
N PRO A 155 8.59 -12.62 4.55
CA PRO A 155 7.34 -13.35 4.35
C PRO A 155 7.11 -14.45 5.39
N VAL A 156 5.96 -14.44 6.04
CA VAL A 156 5.65 -15.48 7.01
C VAL A 156 4.61 -16.45 6.43
N THR A 157 4.02 -16.05 5.31
CA THR A 157 3.21 -16.96 4.50
C THR A 157 3.57 -16.77 3.03
N THR A 158 3.11 -17.70 2.20
CA THR A 158 3.21 -17.51 0.75
C THR A 158 1.94 -16.77 0.29
N LEU A 159 1.77 -16.61 -1.02
CA LEU A 159 0.52 -16.05 -1.54
C LEU A 159 -0.54 -17.14 -1.57
N LYS A 160 -1.44 -17.13 -0.59
CA LYS A 160 -2.43 -18.19 -0.47
C LYS A 160 -3.85 -17.71 -0.68
N LYS A 161 -4.63 -18.56 -1.35
CA LYS A 161 -6.06 -18.30 -1.54
C LYS A 161 -6.79 -18.41 -0.21
N ILE A 162 -7.44 -17.32 0.21
CA ILE A 162 -8.12 -17.29 1.49
C ILE A 162 -9.64 -17.33 1.33
N GLY A 163 -10.14 -17.19 0.11
CA GLY A 163 -11.57 -17.20 -0.13
C GLY A 163 -11.96 -17.04 -1.59
N THR A 164 -13.25 -16.87 -1.83
CA THR A 164 -13.76 -16.67 -3.18
C THR A 164 -14.56 -15.38 -3.27
N ALA A 165 -14.88 -14.99 -4.49
CA ALA A 165 -15.64 -13.78 -4.76
C ALA A 165 -16.28 -13.92 -6.12
N LEU A 166 -17.19 -13.01 -6.45
CA LEU A 166 -17.75 -12.97 -7.80
C LEU A 166 -16.63 -12.74 -8.81
N LYS A 167 -16.80 -13.25 -10.02
CA LYS A 167 -15.81 -13.07 -11.09
C LYS A 167 -15.62 -11.58 -11.41
N SER A 168 -16.70 -10.82 -11.28
CA SER A 168 -16.67 -9.39 -11.57
C SER A 168 -15.87 -8.59 -10.54
N LYS A 169 -15.54 -9.20 -9.41
CA LYS A 169 -14.84 -8.48 -8.35
C LYS A 169 -13.32 -8.54 -8.52
N THR A 170 -12.68 -7.36 -8.57
CA THR A 170 -11.24 -7.29 -8.73
C THR A 170 -10.67 -6.16 -7.86
N GLY A 171 -9.39 -6.26 -7.52
CA GLY A 171 -8.74 -5.17 -6.80
C GLY A 171 -7.56 -5.60 -5.96
N THR A 172 -6.92 -4.61 -5.35
CA THR A 172 -5.74 -4.83 -4.53
C THR A 172 -5.89 -4.06 -3.23
N LYS A 173 -5.60 -4.70 -2.11
CA LYS A 173 -5.60 -4.04 -0.81
C LYS A 173 -4.30 -4.30 -0.09
N VAL A 174 -3.69 -3.23 0.43
CA VAL A 174 -2.46 -3.36 1.20
C VAL A 174 -2.63 -2.68 2.54
N THR A 175 -2.28 -3.39 3.60
CA THR A 175 -2.29 -2.85 4.95
C THR A 175 -0.89 -2.99 5.55
N PHE A 176 -0.34 -1.92 6.09
CA PHE A 176 0.99 -1.98 6.70
C PHE A 176 1.10 -1.24 8.02
N MET A 177 1.94 -1.77 8.90
CA MET A 177 2.26 -1.11 10.14
C MET A 177 3.69 -0.58 10.05
N PRO A 178 3.85 0.75 10.08
CA PRO A 178 5.20 1.33 9.98
C PRO A 178 6.08 0.92 11.16
N ASP A 179 7.35 0.67 10.91
CA ASP A 179 8.25 0.19 11.96
C ASP A 179 8.60 1.29 12.95
N ALA A 180 8.12 1.13 14.18
CA ALA A 180 8.32 2.12 15.25
C ALA A 180 9.78 2.18 15.71
N THR A 181 10.58 1.18 15.38
CA THR A 181 12.00 1.20 15.75
C THR A 181 12.81 1.99 14.72
N ILE A 182 12.14 2.46 13.68
CA ILE A 182 12.80 3.23 12.63
C ILE A 182 12.31 4.67 12.56
N PHE A 183 10.99 4.86 12.61
CA PHE A 183 10.42 6.20 12.55
C PHE A 183 10.31 6.86 13.93
N SER A 184 10.64 8.15 14.00
CA SER A 184 10.54 8.89 15.25
C SER A 184 9.08 9.13 15.61
N THR A 185 8.22 9.05 14.60
CA THR A 185 6.78 9.09 14.82
C THR A 185 6.07 8.13 13.86
N THR A 186 5.12 7.38 14.40
CA THR A 186 4.34 6.46 13.59
C THR A 186 2.87 6.86 13.58
N ASP A 187 2.60 8.10 13.96
CA ASP A 187 1.24 8.62 13.99
CA ASP A 187 1.24 8.60 13.99
C ASP A 187 0.86 9.27 12.66
N PHE A 188 -0.03 8.62 11.92
CA PHE A 188 -0.49 9.18 10.65
C PHE A 188 -1.39 10.38 10.90
N LYS A 189 -1.19 11.44 10.12
CA LYS A 189 -1.96 12.66 10.33
C LYS A 189 -3.09 12.76 9.31
N TYR A 190 -4.31 12.72 9.84
CA TYR A 190 -5.53 12.74 9.02
C TYR A 190 -5.57 13.91 8.04
N ASN A 191 -5.26 15.12 8.51
CA ASN A 191 -5.32 16.31 7.66
C ASN A 191 -4.30 16.27 6.54
N THR A 192 -3.11 15.75 6.83
CA THR A 192 -2.04 15.66 5.83
C THR A 192 -2.46 14.72 4.70
N ILE A 193 -2.97 13.55 5.07
CA ILE A 193 -3.37 12.56 4.08
C ILE A 193 -4.59 13.04 3.28
N SER A 194 -5.52 13.70 3.98
CA SER A 194 -6.72 14.25 3.37
C SER A 194 -6.42 15.22 2.22
N GLU A 195 -5.47 16.12 2.45
CA GLU A 195 -5.08 17.09 1.43
C GLU A 195 -4.44 16.41 0.21
N ARG A 196 -3.61 15.40 0.47
N ARG A 196 -3.63 15.39 0.46
CA ARG A 196 -2.96 14.65 -0.61
CA ARG A 196 -2.95 14.65 -0.60
C ARG A 196 -3.98 13.90 -1.46
C ARG A 196 -3.94 13.84 -1.44
N LEU A 197 -4.93 13.24 -0.80
CA LEU A 197 -5.95 12.46 -1.49
C LEU A 197 -6.88 13.37 -2.30
N ASN A 198 -7.18 14.54 -1.74
CA ASN A 198 -7.97 15.56 -2.43
C ASN A 198 -7.28 15.96 -3.73
N GLU A 199 -5.98 16.24 -3.66
CA GLU A 199 -5.20 16.62 -4.82
C GLU A 199 -5.14 15.52 -5.85
N SER A 200 -4.92 14.28 -5.40
CA SER A 200 -4.83 13.13 -6.30
C SER A 200 -6.17 12.92 -6.99
N ALA A 201 -7.25 13.20 -6.27
CA ALA A 201 -8.59 13.09 -6.83
C ALA A 201 -8.82 14.16 -7.91
N PHE A 202 -8.36 15.38 -7.65
CA PHE A 202 -8.53 16.47 -8.61
C PHE A 202 -7.73 16.19 -9.89
N LEU A 203 -6.55 15.59 -9.74
CA LEU A 203 -5.72 15.24 -10.88
C LEU A 203 -6.28 14.05 -11.67
N LEU A 204 -6.78 13.04 -10.95
CA LEU A 204 -7.29 11.81 -11.57
C LEU A 204 -8.54 12.02 -12.42
N LYS A 205 -9.51 12.75 -11.85
CA LYS A 205 -10.83 12.94 -12.42
C LYS A 205 -11.66 11.65 -12.41
N ASN A 206 -12.94 11.79 -12.08
CA ASN A 206 -13.92 10.70 -12.17
C ASN A 206 -13.53 9.46 -11.36
N VAL A 207 -12.80 9.70 -10.26
CA VAL A 207 -12.42 8.63 -9.35
C VAL A 207 -12.63 9.10 -7.92
N THR A 208 -13.36 8.32 -7.13
CA THR A 208 -13.59 8.69 -5.75
C THR A 208 -12.44 8.23 -4.88
N LEU A 209 -11.92 9.15 -4.06
CA LEU A 209 -10.94 8.80 -3.03
C LEU A 209 -11.53 9.09 -1.66
N SER A 210 -11.43 8.11 -0.76
CA SER A 210 -11.95 8.29 0.60
C SER A 210 -10.86 8.16 1.65
N LEU A 211 -11.08 8.83 2.79
CA LEU A 211 -10.23 8.70 3.95
C LEU A 211 -11.10 8.52 5.19
N THR A 212 -10.81 7.47 5.95
CA THR A 212 -11.55 7.17 7.17
C THR A 212 -10.56 6.98 8.32
N ASP A 213 -10.78 7.71 9.41
CA ASP A 213 -9.92 7.60 10.59
C ASP A 213 -10.65 6.84 11.68
N LYS A 214 -10.27 5.59 11.90
CA LYS A 214 -10.92 4.77 12.92
C LYS A 214 -10.51 5.17 14.33
N ARG A 215 -9.49 6.02 14.45
CA ARG A 215 -9.03 6.48 15.76
C ARG A 215 -9.96 7.58 16.29
N THR A 216 -10.52 8.36 15.36
CA THR A 216 -11.34 9.51 15.74
C THR A 216 -12.71 9.51 15.04
N ASP A 217 -13.00 8.44 14.29
CA ASP A 217 -14.24 8.29 13.53
C ASP A 217 -14.41 9.28 12.37
N GLU A 218 -13.44 10.20 12.20
CA GLU A 218 -13.45 11.15 11.09
C GLU A 218 -13.48 10.47 9.72
N ALA A 219 -14.17 11.09 8.76
CA ALA A 219 -14.22 10.58 7.40
C ALA A 219 -14.50 11.69 6.39
N ILE A 220 -14.03 11.49 5.17
CA ILE A 220 -14.23 12.42 4.06
C ILE A 220 -14.09 11.68 2.73
N GLU A 221 -14.71 12.19 1.68
CA GLU A 221 -14.57 11.64 0.34
C GLU A 221 -14.37 12.75 -0.68
N PHE A 222 -13.57 12.46 -1.72
CA PHE A 222 -13.29 13.41 -2.79
C PHE A 222 -13.60 12.79 -4.15
N HIS A 223 -14.16 13.60 -5.04
CA HIS A 223 -14.51 13.16 -6.38
C HIS A 223 -14.71 14.35 -7.30
N TYR A 224 -13.92 14.43 -8.37
CA TYR A 224 -14.03 15.54 -9.32
C TYR A 224 -14.42 15.10 -10.73
N GLU A 225 -15.38 15.81 -11.30
CA GLU A 225 -15.92 15.55 -12.64
C GLU A 225 -15.09 16.26 -13.72
N ASN A 226 -15.36 15.96 -14.99
CA ASN A 226 -14.82 16.78 -16.09
C ASN A 226 -15.71 16.74 -17.33
#